data_8IUA
#
_entry.id   8IUA
#
_cell.length_a   153.712
_cell.length_b   47.996
_cell.length_c   76.477
_cell.angle_alpha   90.000
_cell.angle_beta   104.640
_cell.angle_gamma   90.000
#
_symmetry.space_group_name_H-M   'C 1 2 1'
#
loop_
_entity.id
_entity.type
_entity.pdbx_description
1 polymer 'Candidate dextranase Glycoside hydrolase family 66'
2 branched alpha-D-glucopyranose-(1-6)-alpha-D-glucopyranose
3 non-polymer beta-D-glucopyranose
4 non-polymer 'SODIUM ION'
5 water water
#
_entity_poly.entity_id   1
_entity_poly.type   'polypeptide(L)'
_entity_poly.pdbx_seq_one_letter_code
;MGSSHHHHHHSSGLVPRGSHMASAEDAVTAKITLKTDKASYKPGETVNFTADKVFNSSLIRYTHLGKVIKEETFSGTSWS
WLPPSDDFQGYMVAIYQTNTDGTQTILGTVGIDVSSDWAKFPRYGFLSEFGNISESDRAAVIDNLKDYHINGIQFYDWQY
RQHQPLAGTVSNPMPVWNDIINREVYGSTVSGYIAQAHSKNMKAMFYNLAYGVLNDYDPNLIKQQQFVYKDANHNDKDKH
ELGWPFISNIYITDPANTAWQNYLAQKNDDVYKVYDFDGFHIDQLGDRGNVFRYDGTNADLKNAFPSFISAMKSANTNKK
LVMNAVNQYGQKEIAGKELDFLYTEVWSPNEGFKDLTQVLTDNAAYSNNSKNTVLAAYMNYNKANNQGMFNTPGVLLTDA
VIFAFGGSHLELGEHMLGKEYFPNKNLSMSAELKSSLLEYYDFMTAYQNLLRDGGTYTNPTIATGDGKLNLGSWPPTMGK
VAAVGKQVGSREIIHLLNFTNANSLNWRDTDGTQNVPDLIKQAMLNLNHSGKVTKIWYASPDYNGGAAVELSFSQNGEKV
NFKVPVLQYWAMIVVE
;
_entity_poly.pdbx_strand_id   A
#
# COMPACT_ATOMS: atom_id res chain seq x y z
N ALA A 22 -17.31 -24.05 14.21
CA ALA A 22 -17.75 -22.68 14.57
C ALA A 22 -16.54 -21.75 14.72
N SER A 23 -15.39 -22.14 14.17
CA SER A 23 -14.19 -21.35 14.32
C SER A 23 -14.46 -19.90 13.90
N ALA A 24 -13.88 -18.95 14.65
CA ALA A 24 -13.84 -17.55 14.23
C ALA A 24 -12.87 -17.45 13.05
N GLU A 25 -12.77 -16.26 12.44
CA GLU A 25 -11.77 -16.05 11.41
C GLU A 25 -10.39 -16.28 12.07
N ASP A 26 -9.41 -16.68 11.25
CA ASP A 26 -8.13 -17.19 11.74
C ASP A 26 -7.37 -16.16 12.56
N ALA A 27 -7.29 -14.93 12.02
CA ALA A 27 -6.62 -13.81 12.69
C ALA A 27 -7.16 -13.63 14.10
N VAL A 28 -8.48 -13.77 14.21
CA VAL A 28 -9.23 -13.53 15.43
C VAL A 28 -8.94 -14.64 16.43
N THR A 29 -8.61 -15.85 15.96
CA THR A 29 -8.41 -16.98 16.84
C THR A 29 -7.05 -16.91 17.54
N ALA A 30 -6.14 -16.09 16.98
CA ALA A 30 -4.76 -16.02 17.43
C ALA A 30 -4.72 -15.73 18.93
N LYS A 31 -4.11 -16.66 19.67
CA LYS A 31 -4.05 -16.58 21.12
C LYS A 31 -3.20 -15.39 21.54
N ILE A 32 -2.16 -15.04 20.77
CA ILE A 32 -1.30 -13.92 21.07
C ILE A 32 -1.33 -12.84 19.99
N THR A 33 -1.23 -11.59 20.47
CA THR A 33 -0.91 -10.44 19.64
C THR A 33 0.61 -10.18 19.76
N LEU A 34 1.31 -10.31 18.64
CA LEU A 34 2.76 -10.15 18.56
C LEU A 34 3.06 -8.93 17.71
N LYS A 35 3.85 -8.02 18.27
CA LYS A 35 4.09 -6.70 17.71
C LYS A 35 5.57 -6.41 17.74
N THR A 36 5.99 -5.42 16.93
CA THR A 36 7.37 -4.96 16.98
C THR A 36 7.39 -3.44 17.20
N ASP A 37 8.56 -2.89 17.58
CA ASP A 37 8.57 -1.50 17.99
C ASP A 37 8.50 -0.54 16.81
N LYS A 38 9.04 -0.93 15.65
CA LYS A 38 9.08 -0.08 14.47
C LYS A 38 8.32 -0.72 13.31
N ALA A 39 8.01 0.06 12.27
CA ALA A 39 7.33 -0.41 11.06
C ALA A 39 8.25 -1.23 10.15
N SER A 40 9.54 -0.84 10.15
CA SER A 40 10.56 -1.44 9.34
C SER A 40 11.90 -1.17 10.02
N TYR A 41 12.91 -1.93 9.60
CA TYR A 41 14.23 -1.86 10.23
C TYR A 41 15.29 -1.78 9.15
N LYS A 42 16.22 -0.84 9.34
CA LYS A 42 17.45 -0.78 8.56
C LYS A 42 18.31 -1.94 8.98
N PRO A 43 19.08 -2.51 8.04
CA PRO A 43 20.11 -3.48 8.38
C PRO A 43 20.86 -3.04 9.63
N GLY A 44 21.08 -3.96 10.57
CA GLY A 44 21.78 -3.68 11.81
C GLY A 44 20.93 -3.16 12.97
N GLU A 45 19.64 -2.85 12.72
CA GLU A 45 18.79 -2.35 13.78
C GLU A 45 18.07 -3.53 14.44
N THR A 46 18.07 -3.47 15.78
CA THR A 46 17.49 -4.49 16.65
C THR A 46 15.96 -4.41 16.64
N VAL A 47 15.32 -5.59 16.49
CA VAL A 47 13.85 -5.67 16.56
C VAL A 47 13.43 -5.96 18.01
N ASN A 48 12.62 -5.08 18.61
CA ASN A 48 12.07 -5.30 19.95
C ASN A 48 10.59 -5.71 19.87
N PHE A 49 10.31 -6.93 20.34
CA PHE A 49 8.99 -7.54 20.31
C PHE A 49 8.22 -7.27 21.61
N THR A 50 6.89 -7.19 21.44
CA THR A 50 5.93 -7.23 22.55
C THR A 50 4.85 -8.25 22.22
N ALA A 51 4.69 -9.23 23.13
CA ALA A 51 3.58 -10.16 23.15
C ALA A 51 2.62 -9.74 24.23
N ASP A 52 1.31 -9.77 23.92
CA ASP A 52 0.28 -9.33 24.85
C ASP A 52 0.09 -10.41 25.92
N LYS A 53 0.52 -11.63 25.67
CA LYS A 53 0.37 -12.64 26.71
C LYS A 53 1.30 -13.81 26.45
N VAL A 54 1.50 -14.65 27.46
CA VAL A 54 2.58 -15.61 27.41
C VAL A 54 2.00 -17.00 27.67
N PHE A 55 2.60 -18.02 27.05
CA PHE A 55 2.17 -19.40 27.17
C PHE A 55 3.37 -20.30 27.39
N ASN A 56 3.15 -21.35 28.21
CA ASN A 56 4.15 -22.35 28.51
C ASN A 56 4.53 -23.14 27.25
N SER A 57 5.69 -23.78 27.31
CA SER A 57 6.07 -24.84 26.39
C SER A 57 6.06 -24.31 24.96
N SER A 58 6.60 -23.10 24.77
CA SER A 58 6.46 -22.39 23.52
C SER A 58 7.84 -21.95 23.02
N LEU A 59 7.97 -21.99 21.70
CA LEU A 59 9.18 -21.75 20.93
C LEU A 59 8.91 -20.68 19.89
N ILE A 60 9.80 -19.68 19.79
CA ILE A 60 9.77 -18.66 18.74
C ILE A 60 10.59 -19.17 17.56
N ARG A 61 9.97 -19.23 16.37
CA ARG A 61 10.71 -19.51 15.14
C ARG A 61 10.76 -18.25 14.29
N TYR A 62 12.00 -17.91 13.92
CA TYR A 62 12.29 -16.86 12.96
C TYR A 62 12.50 -17.51 11.60
N THR A 63 11.75 -17.09 10.57
CA THR A 63 11.78 -17.73 9.27
C THR A 63 12.14 -16.71 8.18
N HIS A 64 12.92 -17.19 7.22
CA HIS A 64 13.14 -16.48 5.98
C HIS A 64 12.69 -17.41 4.86
N LEU A 65 11.64 -16.99 4.17
CA LEU A 65 11.14 -17.72 3.01
C LEU A 65 10.96 -19.18 3.37
N GLY A 66 10.26 -19.41 4.46
CA GLY A 66 9.88 -20.77 4.80
C GLY A 66 10.96 -21.48 5.61
N LYS A 67 12.16 -20.88 5.70
CA LYS A 67 13.30 -21.53 6.33
C LYS A 67 13.46 -20.97 7.74
N VAL A 68 13.60 -21.87 8.71
CA VAL A 68 13.90 -21.48 10.08
C VAL A 68 15.37 -21.04 10.16
N ILE A 69 15.59 -19.79 10.56
CA ILE A 69 16.94 -19.28 10.71
C ILE A 69 17.31 -19.05 12.17
N LYS A 70 16.34 -19.10 13.09
CA LYS A 70 16.62 -19.02 14.52
C LYS A 70 15.42 -19.58 15.28
N GLU A 71 15.72 -20.35 16.34
CA GLU A 71 14.74 -20.81 17.31
C GLU A 71 15.15 -20.34 18.68
N GLU A 72 14.19 -19.93 19.51
CA GLU A 72 14.49 -19.66 20.90
C GLU A 72 13.23 -19.85 21.73
N THR A 73 13.47 -20.05 23.01
CA THR A 73 12.39 -20.26 23.95
C THR A 73 11.57 -18.98 24.05
N PHE A 74 10.25 -19.13 23.96
CA PHE A 74 9.33 -18.07 24.36
C PHE A 74 9.39 -17.89 25.87
N SER A 75 9.97 -16.78 26.33
CA SER A 75 10.27 -16.73 27.74
C SER A 75 9.60 -15.53 28.43
N GLY A 76 8.91 -14.67 27.67
CA GLY A 76 8.25 -13.54 28.31
C GLY A 76 7.65 -12.59 27.30
N THR A 77 7.08 -11.48 27.79
CA THR A 77 6.34 -10.58 26.91
C THR A 77 7.25 -9.70 26.07
N SER A 78 8.54 -9.63 26.40
CA SER A 78 9.34 -8.58 25.79
C SER A 78 10.76 -9.10 25.55
N TRP A 79 11.24 -8.97 24.30
CA TRP A 79 12.54 -9.50 23.91
C TRP A 79 12.93 -8.90 22.57
N SER A 80 14.20 -9.08 22.20
CA SER A 80 14.78 -8.52 20.98
C SER A 80 15.42 -9.59 20.11
N TRP A 81 15.57 -9.21 18.83
CA TRP A 81 16.21 -10.01 17.79
C TRP A 81 16.93 -9.06 16.85
N LEU A 82 18.24 -9.27 16.72
CA LEU A 82 19.01 -8.67 15.64
C LEU A 82 18.84 -9.50 14.36
N PRO A 83 18.14 -8.99 13.33
CA PRO A 83 17.98 -9.74 12.08
C PRO A 83 19.29 -9.85 11.31
N PRO A 84 19.42 -10.78 10.32
CA PRO A 84 20.55 -10.78 9.39
C PRO A 84 20.64 -9.41 8.72
N SER A 85 21.83 -9.02 8.25
CA SER A 85 21.98 -7.66 7.74
C SER A 85 21.72 -7.52 6.24
N ASP A 86 21.52 -8.60 5.46
CA ASP A 86 21.24 -8.43 4.02
C ASP A 86 20.03 -7.52 3.82
N ASP A 87 20.18 -6.57 2.90
CA ASP A 87 19.19 -5.51 2.74
C ASP A 87 17.97 -6.09 2.02
N PHE A 88 16.79 -5.48 2.29
CA PHE A 88 15.54 -5.72 1.58
C PHE A 88 15.10 -7.18 1.71
N GLN A 89 14.96 -7.63 2.97
CA GLN A 89 14.61 -9.01 3.28
C GLN A 89 13.39 -8.98 4.19
N GLY A 90 12.42 -9.81 3.84
CA GLY A 90 11.27 -10.03 4.72
C GLY A 90 11.43 -11.33 5.50
N TYR A 91 10.96 -11.32 6.78
CA TYR A 91 10.93 -12.49 7.65
C TYR A 91 9.54 -12.63 8.31
N MET A 92 9.18 -13.87 8.67
CA MET A 92 7.98 -14.13 9.50
C MET A 92 8.44 -14.70 10.83
N VAL A 93 7.96 -14.13 11.95
CA VAL A 93 8.22 -14.67 13.26
C VAL A 93 6.93 -15.32 13.78
N ALA A 94 7.04 -16.59 14.17
CA ALA A 94 5.89 -17.39 14.62
C ALA A 94 6.23 -18.07 15.94
N ILE A 95 5.27 -18.06 16.86
CA ILE A 95 5.44 -18.70 18.16
C ILE A 95 4.54 -19.91 18.23
N TYR A 96 5.17 -21.03 18.56
CA TYR A 96 4.56 -22.35 18.58
C TYR A 96 4.45 -22.86 20.00
N GLN A 97 3.24 -23.26 20.43
CA GLN A 97 3.13 -23.95 21.68
C GLN A 97 3.04 -25.45 21.41
N THR A 98 3.81 -26.25 22.17
CA THR A 98 3.56 -27.68 22.22
C THR A 98 2.50 -27.97 23.28
N ASN A 99 1.32 -28.38 22.80
CA ASN A 99 0.21 -28.82 23.62
C ASN A 99 0.56 -30.17 24.26
N THR A 100 -0.22 -30.56 25.27
CA THR A 100 0.18 -31.66 26.15
C THR A 100 -0.05 -33.01 25.45
N ASP A 101 -0.87 -32.99 24.38
CA ASP A 101 -1.09 -34.15 23.52
C ASP A 101 0.10 -34.37 22.57
N GLY A 102 0.89 -33.32 22.33
CA GLY A 102 2.04 -33.42 21.43
C GLY A 102 1.83 -32.67 20.12
N THR A 103 0.61 -32.15 19.88
CA THR A 103 0.35 -31.27 18.75
C THR A 103 0.97 -29.90 19.04
N GLN A 104 1.06 -29.08 17.99
CA GLN A 104 1.60 -27.74 18.10
C GLN A 104 0.53 -26.76 17.65
N THR A 105 0.54 -25.57 18.25
CA THR A 105 -0.33 -24.51 17.84
C THR A 105 0.49 -23.26 17.58
N ILE A 106 0.25 -22.59 16.45
CA ILE A 106 0.74 -21.23 16.31
C ILE A 106 -0.11 -20.35 17.21
N LEU A 107 0.57 -19.57 18.06
CA LEU A 107 -0.08 -18.64 18.95
C LEU A 107 -0.16 -17.29 18.28
N GLY A 108 0.86 -16.97 17.52
CA GLY A 108 0.91 -15.65 16.93
C GLY A 108 2.11 -15.49 16.02
N THR A 109 2.07 -14.39 15.27
CA THR A 109 3.00 -14.16 14.16
C THR A 109 3.12 -12.66 13.96
N VAL A 110 4.30 -12.27 13.45
CA VAL A 110 4.54 -10.91 13.00
C VAL A 110 5.55 -10.98 11.87
N GLY A 111 5.34 -10.10 10.90
CA GLY A 111 6.24 -9.94 9.77
C GLY A 111 7.24 -8.84 10.06
N ILE A 112 8.44 -8.93 9.47
CA ILE A 112 9.51 -7.97 9.68
C ILE A 112 10.14 -7.64 8.32
N ASP A 113 10.21 -6.33 8.02
CA ASP A 113 10.88 -5.82 6.84
C ASP A 113 12.21 -5.18 7.27
N VAL A 114 13.31 -5.81 6.87
CA VAL A 114 14.63 -5.18 6.87
C VAL A 114 14.88 -4.55 5.48
N SER A 115 14.70 -3.22 5.39
CA SER A 115 14.92 -2.42 4.21
C SER A 115 15.71 -1.17 4.58
N SER A 116 16.74 -0.80 3.81
CA SER A 116 17.42 0.47 4.05
C SER A 116 16.54 1.66 3.64
N ASP A 117 15.58 1.41 2.75
CA ASP A 117 14.80 2.49 2.22
C ASP A 117 13.43 1.90 1.87
N TRP A 118 12.41 2.74 1.88
CA TRP A 118 11.01 2.30 1.64
C TRP A 118 10.69 1.95 0.19
N ALA A 119 11.48 2.44 -0.77
CA ALA A 119 11.02 2.57 -2.16
C ALA A 119 10.86 1.22 -2.85
N LYS A 120 11.68 0.25 -2.45
CA LYS A 120 11.58 -1.10 -2.96
C LYS A 120 10.24 -1.75 -2.60
N PHE A 121 9.83 -1.66 -1.33
CA PHE A 121 8.63 -2.35 -0.86
C PHE A 121 7.73 -1.35 -0.14
N PRO A 122 7.12 -0.40 -0.87
CA PRO A 122 6.38 0.66 -0.23
C PRO A 122 5.06 0.09 0.32
N ARG A 123 4.77 0.52 1.56
CA ARG A 123 3.52 0.24 2.26
C ARG A 123 3.03 1.60 2.75
N TYR A 124 2.27 2.29 1.88
CA TYR A 124 1.97 3.70 2.07
C TYR A 124 0.65 3.86 2.82
N GLY A 125 0.61 4.74 3.83
CA GLY A 125 -0.60 5.15 4.53
C GLY A 125 -0.75 6.66 4.44
N PHE A 126 -1.68 7.23 5.18
CA PHE A 126 -1.92 8.66 5.08
C PHE A 126 -2.23 9.22 6.46
N LEU A 127 -2.23 10.56 6.53
CA LEU A 127 -2.78 11.30 7.64
C LEU A 127 -3.62 12.44 7.05
N SER A 128 -4.64 12.87 7.80
CA SER A 128 -5.67 13.73 7.25
C SER A 128 -6.24 14.77 8.22
N GLU A 129 -5.82 14.73 9.51
CA GLU A 129 -6.30 15.68 10.50
C GLU A 129 -5.12 16.19 11.33
N PHE A 130 -4.87 17.51 11.28
CA PHE A 130 -3.64 18.16 11.72
C PHE A 130 -3.96 19.34 12.63
N GLY A 131 -5.16 19.33 13.21
CA GLY A 131 -5.55 20.37 14.13
C GLY A 131 -5.02 20.06 15.53
N ASN A 132 -5.79 20.48 16.52
CA ASN A 132 -5.36 20.33 17.90
C ASN A 132 -5.62 18.89 18.33
N ILE A 133 -4.82 17.96 17.83
CA ILE A 133 -4.90 16.56 18.21
C ILE A 133 -3.76 16.29 19.19
N SER A 134 -4.08 15.67 20.33
CA SER A 134 -3.05 15.43 21.34
C SER A 134 -1.93 14.50 20.83
N GLU A 135 -0.73 14.70 21.38
CA GLU A 135 0.37 13.76 21.19
C GLU A 135 -0.06 12.31 21.46
N SER A 136 -0.71 12.06 22.61
CA SER A 136 -1.15 10.69 22.90
C SER A 136 -2.10 10.17 21.81
N ASP A 137 -3.00 11.03 21.26
CA ASP A 137 -3.90 10.62 20.17
C ASP A 137 -3.09 10.36 18.90
N ARG A 138 -2.12 11.22 18.60
CA ARG A 138 -1.32 11.02 17.40
C ARG A 138 -0.52 9.73 17.55
N ALA A 139 0.01 9.53 18.76
CA ALA A 139 0.79 8.35 19.09
C ALA A 139 0.01 7.08 18.78
N ALA A 140 -1.29 7.07 19.12
CA ALA A 140 -2.13 5.90 18.91
C ALA A 140 -2.34 5.66 17.42
N VAL A 141 -2.59 6.74 16.66
CA VAL A 141 -2.66 6.69 15.19
C VAL A 141 -1.39 6.07 14.59
N ILE A 142 -0.19 6.57 14.98
CA ILE A 142 1.07 6.18 14.34
C ILE A 142 1.38 4.75 14.78
N ASP A 143 1.04 4.41 16.02
CA ASP A 143 1.31 3.08 16.55
C ASP A 143 0.56 2.02 15.78
N ASN A 144 -0.68 2.36 15.43
CA ASN A 144 -1.59 1.48 14.72
C ASN A 144 -1.04 1.23 13.32
N LEU A 145 -0.70 2.32 12.64
CA LEU A 145 -0.06 2.23 11.32
C LEU A 145 1.24 1.44 11.38
N LYS A 146 2.02 1.67 12.44
CA LYS A 146 3.24 0.93 12.62
C LYS A 146 2.95 -0.57 12.61
N ASP A 147 1.88 -1.00 13.20
CA ASP A 147 1.63 -2.44 13.30
C ASP A 147 1.23 -3.04 11.96
N TYR A 148 0.77 -2.20 11.02
CA TYR A 148 0.55 -2.61 9.64
C TYR A 148 1.86 -2.53 8.85
N HIS A 149 2.95 -2.17 9.54
CA HIS A 149 4.27 -2.07 8.92
C HIS A 149 4.31 -0.94 7.89
N ILE A 150 3.49 0.10 8.09
CA ILE A 150 3.40 1.21 7.14
C ILE A 150 4.74 1.92 7.18
N ASN A 151 5.36 2.15 6.00
CA ASN A 151 6.72 2.64 5.97
C ASN A 151 6.83 4.06 5.39
N GLY A 152 5.69 4.63 5.07
CA GLY A 152 5.60 6.03 4.70
C GLY A 152 4.15 6.50 4.67
N ILE A 153 4.00 7.81 4.84
CA ILE A 153 2.71 8.40 5.11
C ILE A 153 2.60 9.66 4.27
N GLN A 154 1.53 9.70 3.49
CA GLN A 154 1.07 10.88 2.78
C GLN A 154 0.27 11.79 3.70
N PHE A 155 0.77 13.01 3.85
CA PHE A 155 0.16 13.99 4.73
C PHE A 155 -0.79 14.81 3.87
N TYR A 156 -2.09 14.51 3.94
CA TYR A 156 -3.11 14.98 2.99
C TYR A 156 -3.76 16.25 3.51
N ASP A 157 -3.72 17.33 2.72
CA ASP A 157 -4.41 18.58 3.05
C ASP A 157 -3.89 19.12 4.38
N TRP A 158 -2.59 18.93 4.59
CA TRP A 158 -1.84 19.59 5.66
C TRP A 158 -1.55 21.05 5.29
N GLN A 159 -1.49 21.33 3.98
CA GLN A 159 -0.84 22.53 3.47
C GLN A 159 -1.72 23.73 3.70
N TYR A 160 -1.12 24.92 3.72
CA TYR A 160 -1.90 26.15 3.73
C TYR A 160 -2.65 26.32 2.40
N ARG A 161 -1.91 26.43 1.29
CA ARG A 161 -2.48 26.68 -0.02
C ARG A 161 -1.70 25.89 -1.07
N GLN A 162 -2.40 25.38 -2.09
CA GLN A 162 -1.73 24.65 -3.17
C GLN A 162 -0.61 25.49 -3.78
N HIS A 163 -0.82 26.81 -3.87
CA HIS A 163 0.19 27.69 -4.43
C HIS A 163 1.18 28.23 -3.39
N GLN A 164 0.99 27.90 -2.13
CA GLN A 164 1.90 28.36 -1.08
C GLN A 164 1.77 27.42 0.10
N PRO A 165 2.29 26.18 0.04
CA PRO A 165 1.95 25.18 1.06
C PRO A 165 2.47 25.56 2.46
N LEU A 166 3.55 26.37 2.56
CA LEU A 166 3.97 26.91 3.84
C LEU A 166 3.18 28.16 4.21
N ALA A 167 2.44 28.09 5.33
CA ALA A 167 1.87 29.27 5.97
C ALA A 167 2.95 30.00 6.76
N GLY A 168 3.04 31.31 6.49
CA GLY A 168 4.07 32.17 7.05
C GLY A 168 5.31 32.20 6.15
N THR A 169 6.46 32.51 6.77
CA THR A 169 7.76 32.50 6.13
C THR A 169 8.63 31.41 6.75
N VAL A 170 9.74 31.10 6.06
CA VAL A 170 10.75 30.21 6.60
C VAL A 170 11.21 30.78 7.95
N SER A 171 11.43 32.10 7.98
CA SER A 171 11.91 32.82 9.15
C SER A 171 10.86 32.78 10.27
N ASN A 172 9.59 32.93 9.87
CA ASN A 172 8.49 33.10 10.80
C ASN A 172 7.29 32.28 10.35
N PRO A 173 7.37 30.94 10.51
CA PRO A 173 6.30 30.07 10.05
C PRO A 173 5.09 30.24 10.97
N MET A 174 3.91 30.44 10.36
CA MET A 174 2.68 30.55 11.12
C MET A 174 2.51 29.28 11.96
N PRO A 175 2.27 29.39 13.28
CA PRO A 175 2.06 28.19 14.09
C PRO A 175 0.68 27.59 13.82
N VAL A 176 -0.28 28.43 13.46
CA VAL A 176 -1.62 27.95 13.16
C VAL A 176 -2.10 28.60 11.87
N TRP A 177 -2.60 27.79 10.93
CA TRP A 177 -3.13 28.29 9.66
C TRP A 177 -4.48 27.64 9.37
N ASN A 178 -5.22 28.23 8.43
CA ASN A 178 -6.47 27.63 7.97
C ASN A 178 -6.23 26.92 6.64
N ASP A 179 -6.75 25.70 6.57
CA ASP A 179 -6.58 24.83 5.43
C ASP A 179 -7.63 25.20 4.38
N ILE A 180 -7.75 24.35 3.34
CA ILE A 180 -8.58 24.57 2.16
C ILE A 180 -10.07 24.45 2.48
N ILE A 181 -10.44 23.93 3.67
CA ILE A 181 -11.84 23.96 4.14
C ILE A 181 -11.97 24.89 5.34
N ASN A 182 -10.93 25.70 5.57
CA ASN A 182 -10.91 26.76 6.55
C ASN A 182 -10.85 26.22 7.98
N ARG A 183 -10.39 24.97 8.13
CA ARG A 183 -10.12 24.40 9.44
C ARG A 183 -8.70 24.78 9.85
N GLU A 184 -8.46 24.79 11.16
CA GLU A 184 -7.15 25.10 11.72
C GLU A 184 -6.21 23.93 11.52
N VAL A 185 -4.98 24.24 11.11
CA VAL A 185 -3.91 23.28 11.11
C VAL A 185 -2.83 23.84 12.03
N TYR A 186 -2.27 22.96 12.88
CA TYR A 186 -1.22 23.32 13.81
C TYR A 186 0.15 22.87 13.29
N GLY A 187 1.05 23.84 13.14
CA GLY A 187 2.43 23.53 12.80
C GLY A 187 3.02 22.43 13.68
N SER A 188 2.76 22.54 14.98
CA SER A 188 3.23 21.60 15.97
C SER A 188 2.64 20.21 15.75
N THR A 189 1.38 20.12 15.27
CA THR A 189 0.80 18.82 15.01
C THR A 189 1.46 18.19 13.79
N VAL A 190 1.67 19.01 12.76
CA VAL A 190 2.38 18.51 11.59
C VAL A 190 3.78 18.01 12.03
N SER A 191 4.55 18.87 12.68
CA SER A 191 5.90 18.53 13.11
C SER A 191 5.92 17.31 14.01
N GLY A 192 4.92 17.26 14.91
CA GLY A 192 4.76 16.16 15.83
C GLY A 192 4.59 14.83 15.11
N TYR A 193 3.63 14.77 14.17
CA TYR A 193 3.40 13.56 13.40
C TYR A 193 4.67 13.18 12.61
N ILE A 194 5.36 14.16 12.06
CA ILE A 194 6.56 13.83 11.29
C ILE A 194 7.56 13.10 12.21
N ALA A 195 7.74 13.65 13.42
CA ALA A 195 8.69 13.12 14.41
C ALA A 195 8.29 11.72 14.85
N GLN A 196 6.96 11.52 15.03
CA GLN A 196 6.43 10.25 15.47
C GLN A 196 6.58 9.17 14.39
N ALA A 197 6.29 9.50 13.12
CA ALA A 197 6.51 8.63 11.96
C ALA A 197 8.00 8.27 11.81
N HIS A 198 8.83 9.30 11.87
CA HIS A 198 10.28 9.13 11.93
C HIS A 198 10.72 8.16 13.03
N SER A 199 10.15 8.26 14.24
CA SER A 199 10.57 7.38 15.33
C SER A 199 10.24 5.93 15.00
N LYS A 200 9.29 5.71 14.09
CA LYS A 200 8.89 4.35 13.71
C LYS A 200 9.50 3.91 12.39
N ASN A 201 10.54 4.62 11.89
CA ASN A 201 11.19 4.31 10.64
C ASN A 201 10.30 4.58 9.42
N MET A 202 9.26 5.43 9.54
CA MET A 202 8.44 5.80 8.38
C MET A 202 8.93 7.08 7.73
N LYS A 203 8.67 7.18 6.42
CA LYS A 203 8.89 8.42 5.69
C LYS A 203 7.64 9.29 5.70
N ALA A 204 7.86 10.61 5.66
CA ALA A 204 6.82 11.61 5.65
C ALA A 204 6.86 12.38 4.34
N MET A 205 5.73 12.32 3.62
CA MET A 205 5.60 12.91 2.30
C MET A 205 4.52 13.98 2.40
N PHE A 206 4.84 15.21 1.98
CA PHE A 206 3.84 16.26 2.03
C PHE A 206 3.04 16.26 0.74
N TYR A 207 1.70 16.32 0.88
CA TYR A 207 0.78 16.43 -0.23
C TYR A 207 0.85 17.84 -0.82
N ASN A 208 0.88 17.92 -2.17
CA ASN A 208 0.41 19.10 -2.86
C ASN A 208 0.05 18.73 -4.29
N LEU A 209 -0.69 19.59 -5.00
CA LEU A 209 -0.83 19.39 -6.43
C LEU A 209 0.48 19.84 -7.07
N ALA A 210 0.64 19.41 -8.33
CA ALA A 210 1.76 19.80 -9.17
C ALA A 210 1.58 21.25 -9.64
N TYR A 211 0.32 21.71 -9.67
CA TYR A 211 -0.04 22.80 -10.57
C TYR A 211 -1.27 23.53 -10.05
N GLY A 212 -1.38 23.66 -8.73
CA GLY A 212 -2.61 24.12 -8.10
C GLY A 212 -2.49 25.56 -7.62
N VAL A 213 -3.53 26.34 -7.92
CA VAL A 213 -3.62 27.71 -7.46
C VAL A 213 -5.03 27.95 -6.91
N LEU A 214 -5.15 28.49 -5.69
CA LEU A 214 -6.43 28.91 -5.15
C LEU A 214 -6.59 30.41 -5.38
N ASN A 215 -7.79 30.92 -5.14
CA ASN A 215 -8.18 32.22 -5.66
C ASN A 215 -7.55 33.37 -4.86
N ASP A 216 -6.79 33.08 -3.79
CA ASP A 216 -6.12 34.14 -3.06
C ASP A 216 -4.62 34.20 -3.41
N TYR A 217 -4.22 33.59 -4.53
CA TYR A 217 -2.82 33.61 -4.94
C TYR A 217 -2.39 35.04 -5.28
N ASP A 218 -1.07 35.26 -5.33
CA ASP A 218 -0.50 36.57 -5.64
C ASP A 218 -0.26 36.67 -7.16
N PRO A 219 -0.99 37.57 -7.86
CA PRO A 219 -0.89 37.66 -9.33
C PRO A 219 0.44 38.23 -9.84
N ASN A 220 1.21 38.85 -8.94
CA ASN A 220 2.55 39.30 -9.25
C ASN A 220 3.52 38.12 -9.34
N LEU A 221 3.18 36.99 -8.72
CA LEU A 221 4.10 35.86 -8.63
C LEU A 221 3.71 34.76 -9.60
N ILE A 222 2.39 34.65 -9.88
CA ILE A 222 1.87 33.68 -10.81
C ILE A 222 1.07 34.47 -11.85
N LYS A 223 1.53 34.42 -13.10
CA LYS A 223 1.04 35.32 -14.13
C LYS A 223 0.05 34.59 -15.02
N GLN A 224 -0.72 35.36 -15.80
CA GLN A 224 -1.71 34.77 -16.68
C GLN A 224 -1.09 33.67 -17.53
N GLN A 225 0.17 33.91 -17.98
CA GLN A 225 0.82 33.10 -18.99
C GLN A 225 1.14 31.69 -18.47
N GLN A 226 0.94 31.44 -17.18
CA GLN A 226 1.34 30.17 -16.59
C GLN A 226 0.18 29.21 -16.48
N PHE A 227 -1.03 29.72 -16.66
CA PHE A 227 -2.26 28.97 -16.42
C PHE A 227 -2.56 28.07 -17.62
N VAL A 228 -3.29 26.99 -17.35
CA VAL A 228 -3.90 26.13 -18.34
C VAL A 228 -5.36 26.57 -18.54
N TYR A 229 -5.80 26.61 -19.83
CA TYR A 229 -7.08 27.16 -20.22
C TYR A 229 -7.94 26.12 -20.94
N LYS A 230 -9.27 26.30 -20.83
CA LYS A 230 -10.23 25.40 -21.47
C LYS A 230 -10.32 25.69 -22.96
N ASP A 231 -10.00 26.92 -23.37
CA ASP A 231 -10.01 27.31 -24.78
C ASP A 231 -8.62 27.75 -25.25
N ALA A 232 -8.51 27.99 -26.56
CA ALA A 232 -7.26 28.37 -27.20
C ALA A 232 -7.07 29.89 -27.20
N ASN A 233 -7.98 30.64 -26.58
CA ASN A 233 -7.90 32.10 -26.63
C ASN A 233 -7.70 32.68 -25.25
N HIS A 234 -7.13 31.87 -24.35
CA HIS A 234 -6.91 32.25 -22.96
C HIS A 234 -8.11 33.00 -22.39
N ASN A 235 -9.33 32.46 -22.58
CA ASN A 235 -10.54 33.09 -22.07
C ASN A 235 -10.90 32.51 -20.71
N ASP A 236 -11.12 31.19 -20.67
CA ASP A 236 -11.57 30.51 -19.46
C ASP A 236 -10.45 29.61 -18.93
N LYS A 237 -10.04 29.83 -17.68
CA LYS A 237 -9.05 29.00 -17.02
C LYS A 237 -9.66 27.63 -16.69
N ASP A 238 -8.88 26.57 -16.84
CA ASP A 238 -9.29 25.25 -16.39
C ASP A 238 -9.31 25.27 -14.86
N LYS A 239 -10.16 24.44 -14.24
CA LYS A 239 -10.20 24.46 -12.79
C LYS A 239 -10.94 23.24 -12.26
N HIS A 240 -10.56 22.88 -11.04
CA HIS A 240 -11.27 21.90 -10.26
C HIS A 240 -12.33 22.68 -9.49
N GLU A 241 -13.60 22.41 -9.81
CA GLU A 241 -14.71 23.05 -9.14
C GLU A 241 -14.96 22.40 -7.78
N LEU A 242 -15.00 23.22 -6.74
CA LEU A 242 -15.22 22.72 -5.39
C LEU A 242 -16.34 23.51 -4.74
N GLY A 243 -17.26 22.79 -4.08
CA GLY A 243 -18.35 23.42 -3.36
C GLY A 243 -17.98 23.60 -1.89
N TRP A 244 -18.94 24.05 -1.10
CA TRP A 244 -18.71 24.15 0.33
C TRP A 244 -18.26 22.78 0.84
N PRO A 245 -17.33 22.64 1.83
CA PRO A 245 -16.75 23.76 2.59
C PRO A 245 -15.43 24.35 2.08
N PHE A 246 -15.02 23.92 0.87
CA PHE A 246 -13.78 24.36 0.24
C PHE A 246 -13.86 25.86 -0.03
N ILE A 247 -12.72 26.56 0.22
CA ILE A 247 -12.63 28.01 0.18
C ILE A 247 -12.55 28.54 -1.26
N SER A 248 -12.17 27.69 -2.20
CA SER A 248 -11.82 28.13 -3.55
C SER A 248 -11.91 26.94 -4.49
N ASN A 249 -12.21 27.24 -5.76
CA ASN A 249 -11.90 26.33 -6.83
C ASN A 249 -10.38 26.34 -7.02
N ILE A 250 -9.86 25.30 -7.67
CA ILE A 250 -8.43 25.14 -7.88
C ILE A 250 -8.18 25.38 -9.36
N TYR A 251 -7.49 26.47 -9.66
CA TYR A 251 -6.94 26.76 -10.97
C TYR A 251 -5.74 25.86 -11.21
N ILE A 252 -5.38 25.76 -12.50
CA ILE A 252 -4.37 24.82 -12.99
C ILE A 252 -3.32 25.62 -13.76
N THR A 253 -2.07 25.42 -13.38
CA THR A 253 -0.93 25.92 -14.16
C THR A 253 -0.32 24.81 -15.01
N ASP A 254 0.55 25.23 -15.94
CA ASP A 254 1.29 24.35 -16.82
C ASP A 254 2.54 23.84 -16.09
N PRO A 255 2.60 22.55 -15.69
CA PRO A 255 3.78 22.01 -15.03
C PRO A 255 5.11 22.11 -15.78
N ALA A 256 5.10 22.28 -17.11
CA ALA A 256 6.29 22.47 -17.91
C ALA A 256 6.73 23.94 -17.97
N ASN A 257 5.89 24.85 -17.52
CA ASN A 257 6.27 26.25 -17.57
C ASN A 257 7.42 26.48 -16.59
N THR A 258 8.53 27.05 -17.04
CA THR A 258 9.68 27.12 -16.14
C THR A 258 9.42 28.08 -14.98
N ALA A 259 8.70 29.21 -15.18
CA ALA A 259 8.47 30.17 -14.10
C ALA A 259 7.66 29.53 -12.98
N TRP A 260 6.70 28.69 -13.36
CA TRP A 260 5.95 27.92 -12.39
C TRP A 260 6.88 26.92 -11.70
N GLN A 261 7.75 26.24 -12.44
CA GLN A 261 8.62 25.26 -11.84
C GLN A 261 9.53 25.96 -10.81
N ASN A 262 10.02 27.14 -11.17
CA ASN A 262 10.93 27.85 -10.28
C ASN A 262 10.20 28.35 -9.04
N TYR A 263 8.94 28.80 -9.25
CA TYR A 263 8.11 29.30 -8.17
C TYR A 263 7.81 28.18 -7.17
N LEU A 264 7.39 27.02 -7.67
CA LEU A 264 7.03 25.94 -6.78
C LEU A 264 8.24 25.32 -6.12
N ALA A 265 9.39 25.33 -6.81
CA ALA A 265 10.61 24.82 -6.25
C ALA A 265 10.93 25.60 -4.98
N GLN A 266 10.72 26.92 -5.04
CA GLN A 266 10.99 27.78 -3.90
C GLN A 266 10.01 27.49 -2.76
N LYS A 267 8.73 27.34 -3.10
CA LYS A 267 7.71 26.99 -2.12
C LYS A 267 8.10 25.67 -1.47
N ASN A 268 8.63 24.72 -2.25
CA ASN A 268 8.98 23.43 -1.69
C ASN A 268 10.15 23.54 -0.70
N ASP A 269 11.11 24.39 -1.05
CA ASP A 269 12.29 24.55 -0.22
C ASP A 269 11.87 25.14 1.13
N ASP A 270 10.92 26.07 1.07
CA ASP A 270 10.38 26.75 2.24
C ASP A 270 9.76 25.73 3.17
N VAL A 271 8.93 24.85 2.64
CA VAL A 271 8.35 23.75 3.40
C VAL A 271 9.46 22.92 4.03
N TYR A 272 10.46 22.54 3.22
CA TYR A 272 11.48 21.63 3.69
C TYR A 272 12.35 22.29 4.77
N LYS A 273 12.38 23.62 4.77
CA LYS A 273 13.20 24.32 5.73
C LYS A 273 12.47 24.43 7.06
N VAL A 274 11.13 24.27 7.07
CA VAL A 274 10.29 24.42 8.26
C VAL A 274 9.85 23.05 8.81
N TYR A 275 9.39 22.15 7.93
CA TYR A 275 8.87 20.84 8.29
C TYR A 275 9.77 19.77 7.71
N ASP A 276 10.20 18.80 8.52
CA ASP A 276 11.20 17.83 8.09
C ASP A 276 10.55 16.71 7.28
N PHE A 277 9.76 17.08 6.28
CA PHE A 277 9.32 16.11 5.30
C PHE A 277 10.52 15.50 4.58
N ASP A 278 10.40 14.20 4.29
CA ASP A 278 11.33 13.46 3.45
C ASP A 278 11.08 13.70 1.96
N GLY A 279 9.86 14.13 1.59
CA GLY A 279 9.61 14.43 0.21
C GLY A 279 8.19 14.92 -0.06
N PHE A 280 7.87 14.97 -1.36
CA PHE A 280 6.68 15.63 -1.89
C PHE A 280 5.84 14.59 -2.62
N HIS A 281 4.65 14.30 -2.09
CA HIS A 281 3.62 13.57 -2.84
C HIS A 281 2.98 14.56 -3.80
N ILE A 282 3.24 14.33 -5.10
CA ILE A 282 2.71 15.17 -6.15
C ILE A 282 1.38 14.59 -6.57
N ASP A 283 0.36 15.42 -6.45
CA ASP A 283 -0.98 15.01 -6.89
C ASP A 283 -1.30 15.82 -8.16
N GLN A 284 -2.34 15.36 -8.88
CA GLN A 284 -2.87 16.03 -10.05
C GLN A 284 -4.35 15.68 -10.16
N LEU A 285 -5.01 16.29 -11.14
CA LEU A 285 -6.45 16.13 -11.23
C LEU A 285 -6.81 15.11 -12.29
N GLY A 286 -5.80 14.54 -12.94
CA GLY A 286 -6.05 13.61 -14.03
C GLY A 286 -6.32 14.28 -15.37
N ASP A 287 -6.71 13.45 -16.33
CA ASP A 287 -6.96 13.87 -17.72
C ASP A 287 -7.97 15.02 -17.75
N ARG A 288 -7.57 16.16 -18.31
CA ARG A 288 -8.39 17.37 -18.29
C ARG A 288 -9.11 17.57 -19.61
N GLY A 289 -9.01 16.56 -20.48
CA GLY A 289 -9.43 16.67 -21.86
C GLY A 289 -8.50 17.60 -22.64
N ASN A 290 -9.08 18.29 -23.62
CA ASN A 290 -8.31 19.13 -24.52
C ASN A 290 -8.24 20.51 -23.87
N VAL A 291 -7.04 20.84 -23.39
CA VAL A 291 -6.82 22.12 -22.73
C VAL A 291 -5.51 22.68 -23.24
N PHE A 292 -5.38 24.00 -23.05
CA PHE A 292 -4.42 24.83 -23.76
C PHE A 292 -3.59 25.66 -22.78
N ARG A 293 -2.37 25.94 -23.23
CA ARG A 293 -1.56 27.00 -22.69
C ARG A 293 -2.18 28.35 -23.06
N TYR A 294 -1.59 29.40 -22.49
CA TYR A 294 -2.04 30.77 -22.70
C TYR A 294 -1.96 31.12 -24.19
N ASP A 295 -0.98 30.54 -24.90
CA ASP A 295 -0.69 30.95 -26.27
C ASP A 295 -1.57 30.20 -27.25
N GLY A 296 -2.50 29.38 -26.74
CA GLY A 296 -3.43 28.62 -27.55
C GLY A 296 -2.88 27.24 -27.95
N THR A 297 -1.63 26.96 -27.59
CA THR A 297 -1.02 25.65 -27.85
C THR A 297 -1.60 24.62 -26.91
N ASN A 298 -1.46 23.36 -27.31
CA ASN A 298 -1.94 22.24 -26.51
C ASN A 298 -1.10 22.04 -25.25
N ALA A 299 -1.68 22.15 -24.05
CA ALA A 299 -0.92 22.01 -22.81
C ALA A 299 -0.45 20.58 -22.56
N ASP A 300 -1.14 19.60 -23.18
CA ASP A 300 -0.75 18.19 -23.19
C ASP A 300 -0.01 17.84 -21.90
N LEU A 301 -0.82 17.71 -20.83
CA LEU A 301 -0.30 17.71 -19.47
C LEU A 301 0.53 16.46 -19.18
N LYS A 302 0.16 15.31 -19.76
CA LYS A 302 0.91 14.08 -19.48
C LYS A 302 2.40 14.26 -19.88
N ASN A 303 2.65 15.05 -20.93
CA ASN A 303 4.01 15.31 -21.41
C ASN A 303 4.61 16.57 -20.79
N ALA A 304 3.89 17.23 -19.89
CA ALA A 304 4.45 18.33 -19.13
C ALA A 304 5.03 17.85 -17.78
N PHE A 305 4.49 16.75 -17.23
CA PHE A 305 4.86 16.23 -15.92
C PHE A 305 6.34 15.81 -15.86
N PRO A 306 6.95 15.18 -16.90
CA PRO A 306 8.35 14.76 -16.80
C PRO A 306 9.26 15.95 -16.49
N SER A 307 9.11 17.09 -17.18
CA SER A 307 9.99 18.22 -16.90
C SER A 307 9.73 18.73 -15.48
N PHE A 308 8.48 18.65 -15.04
CA PHE A 308 8.12 19.13 -13.74
C PHE A 308 8.81 18.31 -12.66
N ILE A 309 8.82 16.98 -12.84
CA ILE A 309 9.36 16.07 -11.85
C ILE A 309 10.85 16.35 -11.71
N SER A 310 11.52 16.44 -12.86
CA SER A 310 12.96 16.65 -12.90
C SER A 310 13.34 17.98 -12.27
N ALA A 311 12.56 19.05 -12.52
CA ALA A 311 12.82 20.35 -11.91
C ALA A 311 12.68 20.25 -10.38
N MET A 312 11.67 19.51 -9.90
CA MET A 312 11.42 19.44 -8.48
C MET A 312 12.56 18.67 -7.82
N LYS A 313 12.97 17.58 -8.47
CA LYS A 313 14.07 16.76 -7.97
C LYS A 313 15.37 17.58 -7.95
N SER A 314 15.62 18.31 -9.04
CA SER A 314 16.82 19.11 -9.17
C SER A 314 16.93 20.14 -8.04
N ALA A 315 15.77 20.63 -7.58
CA ALA A 315 15.74 21.73 -6.63
C ALA A 315 15.92 21.23 -5.20
N ASN A 316 15.77 19.92 -4.99
CA ASN A 316 15.88 19.28 -3.70
C ASN A 316 16.18 17.81 -3.93
N THR A 317 17.45 17.53 -4.22
CA THR A 317 17.88 16.23 -4.73
C THR A 317 17.87 15.15 -3.68
N ASN A 318 17.86 15.56 -2.40
CA ASN A 318 17.81 14.70 -1.23
C ASN A 318 16.37 14.41 -0.80
N LYS A 319 15.35 14.89 -1.55
CA LYS A 319 13.95 14.74 -1.13
C LYS A 319 13.20 13.87 -2.15
N LYS A 320 12.39 12.96 -1.61
CA LYS A 320 11.72 11.94 -2.39
C LYS A 320 10.52 12.54 -3.14
N LEU A 321 10.22 11.92 -4.30
CA LEU A 321 9.09 12.31 -5.13
C LEU A 321 8.31 11.05 -5.47
N VAL A 322 6.98 11.15 -5.31
CA VAL A 322 6.02 10.18 -5.81
C VAL A 322 4.96 11.04 -6.49
N MET A 323 4.40 10.53 -7.56
CA MET A 323 3.38 11.26 -8.29
C MET A 323 2.26 10.31 -8.64
N ASN A 324 1.06 10.82 -8.44
CA ASN A 324 -0.15 10.07 -8.70
C ASN A 324 -0.48 10.16 -10.18
N ALA A 325 -0.44 9.01 -10.87
CA ALA A 325 -1.02 8.92 -12.21
C ALA A 325 -2.51 8.61 -12.09
N VAL A 326 -3.36 9.65 -12.17
CA VAL A 326 -4.80 9.52 -11.96
C VAL A 326 -5.40 8.69 -13.10
N ASN A 327 -5.85 7.48 -12.78
CA ASN A 327 -6.33 6.53 -13.76
C ASN A 327 -5.30 6.30 -14.87
N GLN A 328 -4.01 6.35 -14.51
CA GLN A 328 -2.86 6.14 -15.40
C GLN A 328 -2.57 7.31 -16.33
N TYR A 329 -3.23 8.45 -16.15
CA TYR A 329 -2.87 9.63 -16.92
C TYR A 329 -1.47 10.14 -16.55
N GLY A 330 -0.50 10.06 -17.46
CA GLY A 330 0.85 10.54 -17.17
C GLY A 330 1.83 9.40 -16.87
N GLN A 331 1.29 8.23 -16.53
CA GLN A 331 2.09 7.12 -16.07
C GLN A 331 3.17 6.78 -17.09
N LYS A 332 2.80 6.55 -18.35
CA LYS A 332 3.78 6.14 -19.32
C LYS A 332 4.90 7.18 -19.45
N GLU A 333 4.53 8.45 -19.34
CA GLU A 333 5.39 9.59 -19.54
C GLU A 333 6.30 9.83 -18.34
N ILE A 334 5.87 9.45 -17.13
CA ILE A 334 6.64 9.75 -15.93
C ILE A 334 7.38 8.54 -15.38
N ALA A 335 7.12 7.32 -15.89
CA ALA A 335 7.63 6.13 -15.20
C ALA A 335 9.16 6.07 -15.13
N GLY A 336 9.87 6.83 -15.98
CA GLY A 336 11.34 6.79 -16.07
C GLY A 336 12.01 8.03 -15.47
N LYS A 337 11.20 8.80 -14.74
CA LYS A 337 11.64 10.01 -14.07
C LYS A 337 12.04 9.65 -12.65
N GLU A 338 12.30 10.66 -11.83
CA GLU A 338 12.98 10.43 -10.55
C GLU A 338 11.98 10.27 -9.44
N LEU A 339 11.18 9.21 -9.55
CA LEU A 339 10.10 8.89 -8.65
C LEU A 339 10.50 7.65 -7.85
N ASP A 340 10.16 7.61 -6.55
CA ASP A 340 10.65 6.53 -5.73
C ASP A 340 10.04 5.21 -6.14
N PHE A 341 8.73 5.25 -6.44
CA PHE A 341 7.95 4.12 -6.91
C PHE A 341 6.73 4.66 -7.64
N LEU A 342 5.88 3.79 -8.17
CA LEU A 342 4.77 4.25 -8.99
C LEU A 342 3.48 4.20 -8.21
N TYR A 343 2.60 5.14 -8.54
CA TYR A 343 1.34 5.35 -7.87
C TYR A 343 0.23 5.59 -8.90
N THR A 344 -0.87 4.82 -8.77
CA THR A 344 -2.03 4.87 -9.63
C THR A 344 -3.29 4.93 -8.75
N GLU A 345 -4.07 6.01 -8.87
CA GLU A 345 -5.43 6.10 -8.35
C GLU A 345 -6.36 5.51 -9.42
N VAL A 346 -7.09 4.43 -9.08
CA VAL A 346 -7.80 3.61 -10.04
C VAL A 346 -9.27 4.02 -10.13
N TRP A 347 -9.71 4.35 -11.34
CA TRP A 347 -11.11 4.67 -11.63
C TRP A 347 -11.62 3.86 -12.84
N SER A 348 -12.92 4.03 -13.14
CA SER A 348 -13.57 3.44 -14.29
C SER A 348 -12.77 3.85 -15.52
N PRO A 349 -12.54 2.95 -16.48
CA PRO A 349 -13.20 1.65 -16.54
C PRO A 349 -12.35 0.51 -15.98
N ASN A 350 -11.42 0.86 -15.11
CA ASN A 350 -10.57 -0.13 -14.48
C ASN A 350 -11.19 -0.67 -13.20
N GLU A 351 -12.36 -1.31 -13.29
CA GLU A 351 -13.12 -1.71 -12.11
C GLU A 351 -13.07 -3.22 -11.89
N GLY A 352 -12.55 -4.00 -12.83
CA GLY A 352 -12.44 -5.43 -12.62
C GLY A 352 -11.17 -5.80 -11.87
N PHE A 353 -11.20 -6.94 -11.19
CA PHE A 353 -9.96 -7.45 -10.62
C PHE A 353 -8.89 -7.54 -11.70
N LYS A 354 -9.27 -7.98 -12.89
CA LYS A 354 -8.30 -8.14 -13.97
C LYS A 354 -7.71 -6.79 -14.40
N ASP A 355 -8.37 -5.69 -14.04
CA ASP A 355 -7.91 -4.34 -14.37
C ASP A 355 -6.87 -3.85 -13.37
N LEU A 356 -6.96 -4.29 -12.12
CA LEU A 356 -5.90 -4.00 -11.16
C LEU A 356 -4.59 -4.65 -11.58
N THR A 357 -4.66 -5.93 -11.96
CA THR A 357 -3.48 -6.64 -12.39
C THR A 357 -2.98 -6.06 -13.70
N GLN A 358 -3.86 -5.52 -14.55
CA GLN A 358 -3.36 -4.90 -15.79
C GLN A 358 -2.55 -3.66 -15.43
N VAL A 359 -3.02 -2.90 -14.41
CA VAL A 359 -2.37 -1.67 -14.02
C VAL A 359 -0.97 -1.99 -13.49
N LEU A 360 -0.83 -3.16 -12.84
CA LEU A 360 0.43 -3.53 -12.23
C LEU A 360 1.40 -4.01 -13.32
N THR A 361 0.85 -4.79 -14.28
CA THR A 361 1.59 -5.29 -15.43
C THR A 361 2.11 -4.11 -16.23
N ASP A 362 1.23 -3.12 -16.43
CA ASP A 362 1.55 -1.95 -17.22
C ASP A 362 2.62 -1.05 -16.60
N ASN A 363 2.52 -0.84 -15.28
CA ASN A 363 3.47 -0.04 -14.52
C ASN A 363 4.86 -0.66 -14.53
N ALA A 364 4.94 -1.98 -14.42
CA ALA A 364 6.18 -2.73 -14.59
C ALA A 364 6.81 -2.44 -15.96
N ALA A 365 5.98 -2.55 -17.01
CA ALA A 365 6.43 -2.30 -18.36
C ALA A 365 6.86 -0.85 -18.51
N TYR A 366 6.07 0.09 -17.97
CA TYR A 366 6.41 1.49 -18.17
C TYR A 366 7.73 1.84 -17.48
N SER A 367 8.00 1.16 -16.35
CA SER A 367 9.18 1.44 -15.56
C SER A 367 10.33 0.50 -15.88
N ASN A 368 10.11 -0.39 -16.86
CA ASN A 368 11.11 -1.36 -17.29
C ASN A 368 11.53 -2.19 -16.07
N ASN A 369 10.52 -2.55 -15.28
CA ASN A 369 10.66 -3.47 -14.16
C ASN A 369 11.54 -2.88 -13.06
N SER A 370 11.50 -1.54 -12.89
CA SER A 370 12.38 -0.80 -12.01
C SER A 370 11.63 -0.39 -10.76
N LYS A 371 10.31 -0.22 -10.86
CA LYS A 371 9.53 0.38 -9.80
C LYS A 371 8.34 -0.52 -9.49
N ASN A 372 8.07 -0.71 -8.18
CA ASN A 372 6.83 -1.30 -7.71
C ASN A 372 5.77 -0.21 -7.67
N THR A 373 4.47 -0.61 -7.55
CA THR A 373 3.35 0.31 -7.53
C THR A 373 2.57 0.30 -6.21
N VAL A 374 2.09 1.51 -5.79
CA VAL A 374 1.00 1.66 -4.83
C VAL A 374 -0.26 2.05 -5.61
N LEU A 375 -1.37 1.38 -5.27
CA LEU A 375 -2.70 1.63 -5.78
C LEU A 375 -3.56 2.35 -4.75
N ALA A 376 -4.04 3.55 -5.13
CA ALA A 376 -5.09 4.25 -4.42
C ALA A 376 -6.36 3.79 -5.10
N ALA A 377 -7.12 2.92 -4.40
CA ALA A 377 -8.23 2.20 -4.97
C ALA A 377 -9.29 2.07 -3.86
N TYR A 378 -10.10 3.12 -3.73
CA TYR A 378 -11.02 3.34 -2.62
C TYR A 378 -12.16 2.31 -2.59
N MET A 379 -12.16 1.52 -1.50
CA MET A 379 -13.09 0.41 -1.36
C MET A 379 -14.44 0.89 -0.85
N ASN A 380 -15.51 0.20 -1.26
CA ASN A 380 -16.88 0.41 -0.75
C ASN A 380 -17.28 1.86 -0.96
N TYR A 381 -16.88 2.39 -2.11
CA TYR A 381 -16.96 3.81 -2.44
C TYR A 381 -18.38 4.35 -2.38
N ASN A 382 -19.34 3.57 -2.87
CA ASN A 382 -20.71 4.05 -2.89
C ASN A 382 -21.26 4.02 -1.47
N LYS A 383 -20.96 2.94 -0.77
CA LYS A 383 -21.45 2.74 0.58
C LYS A 383 -21.03 3.92 1.47
N ALA A 384 -19.86 4.47 1.13
CA ALA A 384 -19.17 5.44 1.96
C ALA A 384 -19.81 6.82 1.83
N ASN A 385 -20.87 6.93 1.05
CA ASN A 385 -21.66 8.15 1.03
C ASN A 385 -22.36 8.33 2.37
N ASN A 386 -22.46 7.26 3.14
CA ASN A 386 -23.10 7.32 4.45
C ASN A 386 -22.24 6.65 5.50
N GLN A 387 -22.58 6.91 6.77
CA GLN A 387 -21.98 6.17 7.86
C GLN A 387 -22.29 4.70 7.64
N GLY A 388 -21.29 3.87 7.93
CA GLY A 388 -21.47 2.43 7.82
C GLY A 388 -20.20 1.67 8.20
N MET A 389 -20.19 0.38 7.87
CA MET A 389 -19.02 -0.46 8.09
C MET A 389 -18.43 -0.80 6.71
N PHE A 390 -17.14 -0.97 6.65
CA PHE A 390 -16.53 -1.66 5.51
C PHE A 390 -17.02 -3.10 5.48
N ASN A 391 -17.19 -3.59 4.26
CA ASN A 391 -17.50 -4.98 4.01
C ASN A 391 -16.17 -5.74 4.01
N THR A 392 -15.96 -6.49 5.08
CA THR A 392 -14.68 -7.11 5.36
C THR A 392 -14.23 -7.97 4.17
N PRO A 393 -15.04 -8.93 3.65
CA PRO A 393 -14.60 -9.77 2.54
C PRO A 393 -14.25 -9.02 1.25
N GLY A 394 -14.89 -7.88 1.05
CA GLY A 394 -14.56 -6.97 -0.03
C GLY A 394 -13.14 -6.45 0.07
N VAL A 395 -12.83 -5.90 1.23
CA VAL A 395 -11.50 -5.35 1.46
C VAL A 395 -10.46 -6.47 1.34
N LEU A 396 -10.75 -7.63 1.97
CA LEU A 396 -9.73 -8.69 2.01
C LEU A 396 -9.46 -9.25 0.61
N LEU A 397 -10.51 -9.54 -0.15
CA LEU A 397 -10.31 -10.13 -1.46
C LEU A 397 -9.51 -9.19 -2.36
N THR A 398 -9.80 -7.89 -2.33
CA THR A 398 -9.07 -6.94 -3.15
C THR A 398 -7.59 -6.89 -2.73
N ASP A 399 -7.28 -6.92 -1.42
CA ASP A 399 -5.89 -6.88 -0.99
C ASP A 399 -5.20 -8.22 -1.28
N ALA A 400 -5.96 -9.34 -1.22
CA ALA A 400 -5.39 -10.63 -1.62
C ALA A 400 -4.92 -10.57 -3.09
N VAL A 401 -5.74 -9.98 -3.97
CA VAL A 401 -5.33 -9.84 -5.38
C VAL A 401 -4.13 -8.90 -5.47
N ILE A 402 -4.27 -7.68 -4.96
CA ILE A 402 -3.20 -6.69 -5.07
C ILE A 402 -1.88 -7.24 -4.54
N PHE A 403 -1.90 -7.84 -3.36
CA PHE A 403 -0.69 -8.30 -2.69
C PHE A 403 -0.13 -9.51 -3.43
N ALA A 404 -1.01 -10.39 -3.92
CA ALA A 404 -0.52 -11.59 -4.60
C ALA A 404 0.25 -11.21 -5.87
N PHE A 405 -0.14 -10.10 -6.52
CA PHE A 405 0.44 -9.68 -7.77
C PHE A 405 1.54 -8.62 -7.59
N GLY A 406 2.05 -8.44 -6.35
CA GLY A 406 3.21 -7.58 -6.16
C GLY A 406 2.86 -6.11 -6.04
N GLY A 407 1.55 -5.85 -5.85
CA GLY A 407 1.07 -4.50 -5.58
C GLY A 407 1.10 -4.16 -4.08
N SER A 408 0.75 -2.91 -3.82
CA SER A 408 0.56 -2.35 -2.52
C SER A 408 -0.63 -1.40 -2.58
N HIS A 409 -1.33 -1.21 -1.44
CA HIS A 409 -2.60 -0.50 -1.43
C HIS A 409 -2.48 0.66 -0.43
N LEU A 410 -2.59 1.92 -0.89
CA LEU A 410 -2.78 2.99 0.08
C LEU A 410 -4.23 2.99 0.56
N GLU A 411 -4.44 2.65 1.84
CA GLU A 411 -5.82 2.55 2.36
C GLU A 411 -5.93 2.95 3.84
N LEU A 412 -4.81 3.05 4.59
CA LEU A 412 -4.90 3.19 6.05
C LEU A 412 -4.24 4.48 6.50
N GLY A 413 -4.98 5.26 7.26
CA GLY A 413 -4.48 6.35 8.06
C GLY A 413 -5.07 6.31 9.46
N GLU A 414 -5.64 7.43 9.92
CA GLU A 414 -6.49 7.42 11.12
C GLU A 414 -7.66 6.44 10.97
N HIS A 415 -8.07 6.21 9.73
CA HIS A 415 -9.20 5.36 9.34
C HIS A 415 -8.87 4.80 7.95
N MET A 416 -9.75 3.96 7.38
CA MET A 416 -9.50 3.36 6.09
C MET A 416 -10.27 4.18 5.06
N LEU A 417 -9.65 4.39 3.89
CA LEU A 417 -10.20 5.28 2.88
C LEU A 417 -11.43 4.67 2.22
N GLY A 418 -12.47 5.50 2.12
CA GLY A 418 -13.70 5.17 1.40
C GLY A 418 -13.95 6.08 0.20
N LYS A 419 -13.13 7.13 0.08
CA LYS A 419 -13.29 8.20 -0.90
C LYS A 419 -11.94 8.85 -1.20
N GLU A 420 -11.85 9.52 -2.35
CA GLU A 420 -10.62 10.18 -2.76
C GLU A 420 -10.32 11.37 -1.84
N TYR A 421 -11.36 11.87 -1.13
CA TYR A 421 -11.15 12.88 -0.10
C TYR A 421 -10.81 12.15 1.19
N PHE A 422 -9.51 12.12 1.51
CA PHE A 422 -9.02 11.27 2.59
C PHE A 422 -9.69 11.55 3.92
N PRO A 423 -10.02 12.81 4.30
CA PRO A 423 -10.69 13.06 5.57
C PRO A 423 -12.06 12.37 5.75
N ASN A 424 -12.73 11.97 4.66
CA ASN A 424 -13.96 11.18 4.74
C ASN A 424 -13.70 9.91 5.54
N LYS A 425 -14.47 9.76 6.62
CA LYS A 425 -14.29 8.62 7.52
C LYS A 425 -15.64 7.99 7.86
N ASN A 426 -16.57 8.12 6.92
CA ASN A 426 -17.90 7.56 6.99
C ASN A 426 -17.88 6.08 7.36
N LEU A 427 -16.98 5.29 6.79
CA LEU A 427 -17.01 3.85 7.01
C LEU A 427 -15.99 3.50 8.11
N SER A 428 -16.37 2.57 8.99
CA SER A 428 -15.48 2.03 9.98
C SER A 428 -15.14 0.57 9.66
N MET A 429 -14.04 0.12 10.24
CA MET A 429 -13.56 -1.24 10.10
C MET A 429 -14.03 -2.00 11.33
N SER A 430 -14.62 -3.18 11.12
CA SER A 430 -14.93 -4.03 12.27
C SER A 430 -13.62 -4.43 12.96
N ALA A 431 -13.72 -4.88 14.22
CA ALA A 431 -12.61 -5.49 14.94
C ALA A 431 -12.13 -6.73 14.19
N GLU A 432 -13.03 -7.44 13.51
CA GLU A 432 -12.64 -8.60 12.72
C GLU A 432 -11.77 -8.20 11.54
N LEU A 433 -12.15 -7.14 10.81
CA LEU A 433 -11.36 -6.65 9.66
C LEU A 433 -9.99 -6.17 10.12
N LYS A 434 -9.98 -5.46 11.25
CA LYS A 434 -8.70 -4.97 11.78
C LYS A 434 -7.74 -6.15 12.00
N SER A 435 -8.23 -7.17 12.67
CA SER A 435 -7.44 -8.35 12.99
C SER A 435 -6.94 -9.02 11.71
N SER A 436 -7.87 -9.31 10.80
CA SER A 436 -7.50 -9.96 9.53
C SER A 436 -6.50 -9.15 8.68
N LEU A 437 -6.73 -7.84 8.57
CA LEU A 437 -5.96 -6.97 7.71
C LEU A 437 -4.54 -6.86 8.23
N LEU A 438 -4.38 -6.93 9.55
CA LEU A 438 -3.05 -7.00 10.15
C LEU A 438 -2.31 -8.23 9.64
N GLU A 439 -3.01 -9.38 9.58
CA GLU A 439 -2.36 -10.59 9.14
C GLU A 439 -2.01 -10.49 7.65
N TYR A 440 -2.85 -9.76 6.90
CA TYR A 440 -2.61 -9.53 5.47
C TYR A 440 -1.37 -8.65 5.29
N TYR A 441 -1.25 -7.60 6.10
CA TYR A 441 -0.06 -6.76 6.00
C TYR A 441 1.16 -7.49 6.53
N ASP A 442 0.98 -8.37 7.52
CA ASP A 442 2.09 -9.19 8.02
C ASP A 442 2.56 -10.04 6.85
N PHE A 443 1.59 -10.59 6.12
CA PHE A 443 1.87 -11.57 5.08
C PHE A 443 2.68 -10.92 3.97
N MET A 444 2.27 -9.70 3.55
CA MET A 444 2.85 -9.11 2.35
C MET A 444 4.18 -8.46 2.71
N THR A 445 4.37 -8.17 4.00
CA THR A 445 5.69 -7.77 4.50
C THR A 445 6.59 -9.01 4.54
N ALA A 446 6.18 -10.01 5.32
CA ALA A 446 7.02 -11.19 5.50
C ALA A 446 7.49 -11.78 4.17
N TYR A 447 6.60 -11.86 3.17
CA TYR A 447 6.93 -12.58 1.96
C TYR A 447 7.16 -11.63 0.78
N GLN A 448 7.63 -10.40 1.06
CA GLN A 448 7.84 -9.41 0.01
C GLN A 448 8.83 -9.89 -1.06
N ASN A 449 9.86 -10.63 -0.63
CA ASN A 449 10.88 -11.14 -1.52
C ASN A 449 10.26 -12.00 -2.62
N LEU A 450 9.14 -12.66 -2.33
CA LEU A 450 8.50 -13.55 -3.30
C LEU A 450 7.40 -12.84 -4.07
N LEU A 451 6.87 -11.75 -3.50
CA LEU A 451 5.70 -11.11 -4.11
C LEU A 451 6.13 -10.02 -5.09
N ARG A 452 7.16 -9.25 -4.76
CA ARG A 452 7.45 -8.09 -5.59
C ARG A 452 8.94 -7.78 -5.60
N ASP A 453 9.78 -8.82 -5.80
CA ASP A 453 11.23 -8.67 -5.82
C ASP A 453 11.82 -9.45 -6.97
N GLY A 454 11.25 -9.25 -8.16
CA GLY A 454 11.77 -9.83 -9.40
C GLY A 454 11.08 -11.16 -9.69
N GLY A 455 11.31 -11.67 -10.91
CA GLY A 455 10.80 -12.97 -11.33
C GLY A 455 9.74 -12.82 -12.43
N THR A 456 9.28 -13.95 -12.97
CA THR A 456 8.44 -13.93 -14.14
C THR A 456 7.12 -14.66 -13.88
N TYR A 457 5.98 -14.10 -14.28
CA TYR A 457 4.70 -14.78 -14.09
C TYR A 457 4.57 -16.01 -14.97
N THR A 458 3.99 -17.05 -14.38
CA THR A 458 3.82 -18.34 -15.04
C THR A 458 2.36 -18.76 -14.92
N ASN A 459 2.05 -19.86 -15.61
CA ASN A 459 0.70 -20.37 -15.77
C ASN A 459 0.75 -21.85 -15.39
N PRO A 460 0.75 -22.16 -14.08
CA PRO A 460 1.02 -23.53 -13.63
C PRO A 460 -0.05 -24.50 -14.12
N THR A 461 0.37 -25.72 -14.47
CA THR A 461 -0.56 -26.78 -14.80
C THR A 461 -0.92 -27.47 -13.50
N ILE A 462 -2.04 -27.05 -12.90
CA ILE A 462 -2.43 -27.55 -11.60
C ILE A 462 -3.88 -28.04 -11.64
N ALA A 463 -4.12 -29.21 -11.02
CA ALA A 463 -5.42 -29.83 -11.08
C ALA A 463 -5.83 -30.31 -9.69
N THR A 464 -7.12 -30.26 -9.42
CA THR A 464 -7.64 -30.87 -8.21
C THR A 464 -7.46 -32.38 -8.28
N GLY A 465 -7.10 -33.01 -7.16
CA GLY A 465 -7.12 -34.46 -7.05
C GLY A 465 -8.28 -35.00 -6.22
N ASP A 466 -9.16 -34.16 -5.68
CA ASP A 466 -10.32 -34.63 -4.91
C ASP A 466 -11.64 -34.00 -5.35
N GLY A 467 -11.61 -33.00 -6.25
CA GLY A 467 -12.81 -32.28 -6.68
C GLY A 467 -13.27 -31.23 -5.67
N LYS A 468 -12.43 -30.88 -4.69
CA LYS A 468 -12.83 -29.89 -3.70
C LYS A 468 -12.66 -28.48 -4.25
N LEU A 469 -11.80 -28.35 -5.25
CA LEU A 469 -11.43 -27.07 -5.83
C LEU A 469 -11.85 -27.13 -7.30
N ASN A 470 -12.25 -25.99 -7.87
CA ASN A 470 -12.59 -25.92 -9.27
C ASN A 470 -11.70 -24.81 -9.84
N LEU A 471 -10.58 -25.21 -10.44
CA LEU A 471 -9.44 -24.33 -10.68
C LEU A 471 -9.50 -23.71 -12.07
N GLY A 472 -9.10 -22.45 -12.17
CA GLY A 472 -8.82 -21.87 -13.47
C GLY A 472 -7.55 -21.07 -13.39
N SER A 473 -7.26 -20.36 -14.47
CA SER A 473 -6.12 -19.46 -14.51
C SER A 473 -6.61 -18.04 -14.24
N TRP A 474 -5.68 -17.11 -14.11
CA TRP A 474 -5.95 -15.69 -14.05
C TRP A 474 -6.05 -15.18 -15.48
N PRO A 475 -7.01 -14.26 -15.82
CA PRO A 475 -7.84 -13.58 -14.84
C PRO A 475 -8.98 -14.46 -14.37
N PRO A 476 -9.59 -14.09 -13.23
CA PRO A 476 -10.53 -14.98 -12.54
C PRO A 476 -11.92 -15.08 -13.18
N THR A 477 -12.64 -16.13 -12.76
CA THR A 477 -14.02 -16.42 -13.11
C THR A 477 -14.75 -16.66 -11.81
N MET A 478 -15.94 -16.04 -11.66
CA MET A 478 -16.79 -16.28 -10.50
C MET A 478 -17.15 -17.75 -10.52
N GLY A 479 -16.89 -18.42 -9.40
CA GLY A 479 -17.16 -19.84 -9.24
C GLY A 479 -15.92 -20.70 -9.21
N LYS A 480 -14.74 -20.08 -9.42
CA LYS A 480 -13.51 -20.79 -9.65
C LYS A 480 -12.43 -20.22 -8.73
N VAL A 481 -11.52 -21.11 -8.34
CA VAL A 481 -10.24 -20.72 -7.76
C VAL A 481 -9.25 -20.43 -8.90
N ALA A 482 -8.68 -19.22 -8.90
CA ALA A 482 -7.70 -18.80 -9.88
C ALA A 482 -6.31 -19.11 -9.35
N ALA A 483 -5.56 -19.83 -10.19
CA ALA A 483 -4.17 -20.17 -9.96
C ALA A 483 -3.30 -19.28 -10.85
N VAL A 484 -2.32 -18.61 -10.24
CA VAL A 484 -1.34 -17.88 -11.01
C VAL A 484 0.03 -18.20 -10.42
N GLY A 485 1.05 -18.24 -11.25
CA GLY A 485 2.37 -18.61 -10.78
C GLY A 485 3.38 -17.51 -11.04
N LYS A 486 4.48 -17.55 -10.26
CA LYS A 486 5.59 -16.66 -10.45
C LYS A 486 6.85 -17.47 -10.19
N GLN A 487 7.77 -17.39 -11.15
CA GLN A 487 9.11 -17.93 -11.04
C GLN A 487 10.00 -16.84 -10.47
N VAL A 488 10.49 -17.07 -9.25
CA VAL A 488 11.32 -16.14 -8.52
C VAL A 488 12.56 -16.91 -8.08
N GLY A 489 13.68 -16.62 -8.78
CA GLY A 489 14.91 -17.37 -8.61
C GLY A 489 14.64 -18.83 -8.91
N SER A 490 15.14 -19.72 -8.05
CA SER A 490 14.96 -21.15 -8.21
C SER A 490 13.63 -21.63 -7.59
N ARG A 491 12.75 -20.69 -7.19
CA ARG A 491 11.49 -21.07 -6.58
C ARG A 491 10.32 -20.88 -7.55
N GLU A 492 9.39 -21.84 -7.53
CA GLU A 492 8.11 -21.72 -8.21
C GLU A 492 7.02 -21.45 -7.17
N ILE A 493 6.41 -20.26 -7.27
CA ILE A 493 5.36 -19.82 -6.39
C ILE A 493 4.02 -20.06 -7.11
N ILE A 494 3.00 -20.49 -6.37
CA ILE A 494 1.65 -20.64 -6.90
C ILE A 494 0.69 -19.98 -5.93
N HIS A 495 -0.03 -18.96 -6.42
CA HIS A 495 -1.09 -18.30 -5.66
C HIS A 495 -2.42 -18.89 -6.08
N LEU A 496 -3.24 -19.22 -5.07
CA LEU A 496 -4.64 -19.58 -5.24
C LEU A 496 -5.47 -18.44 -4.66
N LEU A 497 -6.28 -17.82 -5.51
CA LEU A 497 -7.16 -16.75 -5.11
C LEU A 497 -8.59 -17.23 -5.37
N ASN A 498 -9.42 -17.19 -4.31
CA ASN A 498 -10.66 -17.96 -4.31
C ASN A 498 -11.87 -17.09 -4.69
N PHE A 499 -12.38 -17.27 -5.93
CA PHE A 499 -13.60 -16.60 -6.37
C PHE A 499 -14.80 -17.56 -6.40
N THR A 500 -14.68 -18.72 -5.75
CA THR A 500 -15.71 -19.75 -5.83
C THR A 500 -17.10 -19.16 -5.51
N ASN A 501 -17.14 -18.25 -4.51
CA ASN A 501 -18.37 -17.69 -3.95
C ASN A 501 -18.49 -16.22 -4.34
N ALA A 502 -17.66 -15.76 -5.29
CA ALA A 502 -17.73 -14.39 -5.75
C ALA A 502 -19.03 -14.13 -6.50
N ASN A 503 -19.61 -12.96 -6.17
CA ASN A 503 -20.84 -12.50 -6.81
C ASN A 503 -20.57 -11.23 -7.59
N SER A 504 -19.30 -10.82 -7.63
CA SER A 504 -18.88 -9.77 -8.53
C SER A 504 -17.38 -9.90 -8.73
N LEU A 505 -16.91 -9.51 -9.91
CA LEU A 505 -15.46 -9.43 -10.13
C LEU A 505 -14.99 -7.99 -10.18
N ASN A 506 -15.82 -7.06 -9.69
CA ASN A 506 -15.42 -5.66 -9.50
C ASN A 506 -14.73 -5.53 -8.15
N TRP A 507 -13.47 -5.09 -8.15
CA TRP A 507 -12.60 -5.03 -6.97
C TRP A 507 -13.16 -4.05 -5.94
N ARG A 508 -13.87 -3.01 -6.38
CA ARG A 508 -14.19 -1.88 -5.52
C ARG A 508 -15.29 -2.28 -4.50
N ASP A 509 -16.01 -3.37 -4.76
CA ASP A 509 -17.10 -3.79 -3.90
C ASP A 509 -17.88 -2.57 -3.42
N THR A 510 -18.34 -1.73 -4.39
CA THR A 510 -18.68 -0.35 -4.05
C THR A 510 -19.86 -0.31 -3.06
N ASP A 511 -20.74 -1.31 -3.16
CA ASP A 511 -21.90 -1.41 -2.27
C ASP A 511 -21.73 -2.42 -1.13
N GLY A 512 -20.57 -3.06 -1.02
CA GLY A 512 -20.23 -3.87 0.13
C GLY A 512 -21.05 -5.16 0.14
N THR A 513 -21.11 -5.78 -1.05
CA THR A 513 -21.96 -6.91 -1.36
C THR A 513 -21.17 -8.21 -1.49
N GLN A 514 -19.84 -8.13 -1.47
CA GLN A 514 -19.03 -9.30 -1.80
C GLN A 514 -19.24 -10.36 -0.72
N ASN A 515 -19.13 -11.63 -1.10
CA ASN A 515 -19.32 -12.75 -0.19
C ASN A 515 -18.03 -13.11 0.56
N VAL A 516 -18.21 -13.59 1.80
CA VAL A 516 -17.12 -14.26 2.49
C VAL A 516 -16.94 -15.62 1.82
N PRO A 517 -15.75 -16.01 1.31
CA PRO A 517 -15.56 -17.36 0.82
C PRO A 517 -15.70 -18.46 1.87
N ASP A 518 -16.43 -19.50 1.49
CA ASP A 518 -16.45 -20.73 2.25
C ASP A 518 -15.04 -21.28 2.32
N LEU A 519 -14.65 -21.78 3.49
CA LEU A 519 -13.38 -22.49 3.65
C LEU A 519 -13.38 -23.77 2.82
N ILE A 520 -12.28 -23.98 2.10
CA ILE A 520 -12.01 -25.29 1.53
C ILE A 520 -10.85 -25.86 2.33
N LYS A 521 -10.94 -27.14 2.68
CA LYS A 521 -10.03 -27.76 3.64
C LYS A 521 -9.42 -29.02 3.04
N GLN A 522 -8.10 -29.14 3.19
CA GLN A 522 -7.39 -30.38 2.93
C GLN A 522 -7.59 -30.77 1.47
N ALA A 523 -7.22 -29.85 0.58
CA ALA A 523 -7.53 -29.98 -0.84
C ALA A 523 -6.32 -30.49 -1.61
N MET A 524 -6.48 -31.67 -2.20
CA MET A 524 -5.47 -32.32 -3.03
C MET A 524 -5.24 -31.52 -4.31
N LEU A 525 -3.96 -31.32 -4.61
CA LEU A 525 -3.55 -30.66 -5.84
C LEU A 525 -2.52 -31.54 -6.56
N ASN A 526 -2.57 -31.49 -7.89
CA ASN A 526 -1.57 -32.10 -8.77
C ASN A 526 -0.96 -30.99 -9.60
N LEU A 527 0.38 -30.95 -9.62
CA LEU A 527 1.15 -29.90 -10.26
C LEU A 527 2.18 -30.55 -11.17
N ASN A 528 2.29 -30.06 -12.41
CA ASN A 528 3.40 -30.43 -13.26
C ASN A 528 4.59 -29.55 -12.90
N HIS A 529 5.71 -30.20 -12.56
CA HIS A 529 6.93 -29.47 -12.26
C HIS A 529 8.11 -30.31 -12.75
N SER A 530 8.89 -29.78 -13.70
CA SER A 530 9.89 -30.59 -14.40
C SER A 530 11.06 -30.95 -13.48
N GLY A 531 11.59 -29.96 -12.75
CA GLY A 531 12.78 -30.14 -11.94
C GLY A 531 12.52 -30.96 -10.67
N LYS A 532 13.58 -31.45 -10.04
CA LYS A 532 13.41 -32.18 -8.80
C LYS A 532 12.95 -31.20 -7.73
N VAL A 533 11.96 -31.64 -6.94
CA VAL A 533 11.45 -30.91 -5.81
C VAL A 533 12.12 -31.44 -4.54
N THR A 534 12.49 -30.49 -3.68
CA THR A 534 13.16 -30.85 -2.44
C THR A 534 12.27 -30.45 -1.26
N LYS A 535 11.61 -29.28 -1.36
CA LYS A 535 10.69 -28.78 -0.34
C LYS A 535 9.49 -28.09 -0.97
N ILE A 536 8.28 -28.38 -0.48
CA ILE A 536 7.09 -27.57 -0.70
C ILE A 536 6.55 -27.01 0.62
N TRP A 537 6.28 -25.69 0.64
CA TRP A 537 5.67 -25.06 1.81
C TRP A 537 4.50 -24.16 1.42
N TYR A 538 3.59 -24.01 2.39
CA TYR A 538 2.38 -23.23 2.20
C TYR A 538 2.42 -22.07 3.18
N ALA A 539 1.90 -20.93 2.76
CA ALA A 539 1.55 -19.87 3.71
C ALA A 539 0.29 -19.15 3.23
N SER A 540 -0.63 -18.84 4.16
CA SER A 540 -1.83 -18.08 3.84
C SER A 540 -2.05 -17.07 4.95
N PRO A 541 -2.43 -15.81 4.69
CA PRO A 541 -2.77 -14.90 5.77
C PRO A 541 -4.02 -15.39 6.49
N ASP A 542 -4.75 -16.32 5.87
CA ASP A 542 -5.99 -16.82 6.43
C ASP A 542 -5.72 -18.05 7.30
N TYR A 543 -4.47 -18.52 7.40
CA TYR A 543 -4.20 -19.78 8.10
C TYR A 543 -2.97 -19.63 8.99
N ASN A 544 -3.14 -19.68 10.32
CA ASN A 544 -2.01 -19.65 11.24
C ASN A 544 -1.20 -18.38 11.07
N GLY A 545 -1.88 -17.26 10.84
CA GLY A 545 -1.19 -15.98 10.90
C GLY A 545 -0.15 -15.85 9.78
N GLY A 546 -0.27 -16.66 8.71
CA GLY A 546 0.68 -16.61 7.60
C GLY A 546 1.98 -17.38 7.83
N ALA A 547 2.11 -18.06 8.97
CA ALA A 547 3.28 -18.87 9.29
C ALA A 547 3.49 -19.92 8.20
N ALA A 548 4.73 -20.12 7.80
CA ALA A 548 5.05 -21.05 6.73
C ALA A 548 4.87 -22.48 7.21
N VAL A 549 4.13 -23.31 6.49
CA VAL A 549 3.88 -24.69 6.90
C VAL A 549 4.44 -25.61 5.83
N GLU A 550 5.39 -26.47 6.18
CA GLU A 550 5.98 -27.36 5.19
C GLU A 550 4.99 -28.48 4.88
N LEU A 551 4.80 -28.82 3.60
CA LEU A 551 3.84 -29.85 3.20
C LEU A 551 4.54 -31.16 2.85
N SER A 552 3.91 -32.28 3.20
CA SER A 552 4.20 -33.54 2.54
C SER A 552 3.96 -33.42 1.05
N PHE A 553 4.70 -34.22 0.27
CA PHE A 553 4.52 -34.30 -1.16
C PHE A 553 5.10 -35.62 -1.67
N SER A 554 4.57 -36.07 -2.83
CA SER A 554 5.22 -37.11 -3.63
C SER A 554 5.55 -36.49 -4.98
N GLN A 555 6.59 -37.04 -5.61
CA GLN A 555 7.00 -36.57 -6.92
C GLN A 555 7.24 -37.81 -7.77
N ASN A 556 6.60 -37.84 -8.94
CA ASN A 556 6.74 -38.93 -9.88
C ASN A 556 6.83 -38.35 -11.28
N GLY A 557 8.05 -38.41 -11.83
CA GLY A 557 8.42 -37.61 -12.99
C GLY A 557 8.05 -36.14 -12.76
N GLU A 558 7.15 -35.64 -13.62
CA GLU A 558 6.82 -34.23 -13.68
C GLU A 558 5.70 -33.90 -12.68
N LYS A 559 5.27 -34.93 -11.93
CA LYS A 559 4.00 -34.88 -11.23
C LYS A 559 4.25 -34.90 -9.74
N VAL A 560 3.91 -33.76 -9.15
CA VAL A 560 3.99 -33.49 -7.73
C VAL A 560 2.57 -33.54 -7.15
N ASN A 561 2.38 -34.29 -6.05
CA ASN A 561 1.11 -34.23 -5.34
C ASN A 561 1.34 -33.67 -3.94
N PHE A 562 0.39 -32.88 -3.48
CA PHE A 562 0.32 -32.45 -2.10
C PHE A 562 -1.12 -32.04 -1.79
N LYS A 563 -1.34 -31.58 -0.57
CA LYS A 563 -2.62 -31.17 -0.02
C LYS A 563 -2.46 -29.79 0.60
N VAL A 564 -3.28 -28.80 0.23
CA VAL A 564 -3.25 -27.54 0.95
C VAL A 564 -4.24 -27.61 2.11
N PRO A 565 -3.80 -27.16 3.32
CA PRO A 565 -4.63 -27.29 4.52
C PRO A 565 -5.91 -26.47 4.43
N VAL A 566 -5.81 -25.21 3.99
CA VAL A 566 -6.96 -24.33 3.96
C VAL A 566 -6.84 -23.32 2.82
N LEU A 567 -7.91 -23.18 2.02
CA LEU A 567 -8.08 -21.98 1.20
C LEU A 567 -9.36 -21.28 1.62
N GLN A 568 -9.21 -19.98 1.93
CA GLN A 568 -10.36 -19.11 2.08
C GLN A 568 -10.27 -18.00 1.04
N TYR A 569 -9.40 -17.00 1.22
CA TYR A 569 -9.23 -15.96 0.21
C TYR A 569 -8.00 -16.20 -0.67
N TRP A 570 -6.89 -16.60 -0.08
CA TRP A 570 -5.59 -16.51 -0.74
C TRP A 570 -4.62 -17.46 -0.03
N ALA A 571 -4.16 -18.47 -0.75
CA ALA A 571 -3.07 -19.33 -0.30
C ALA A 571 -1.89 -19.22 -1.26
N MET A 572 -0.67 -19.33 -0.72
CA MET A 572 0.56 -19.29 -1.51
C MET A 572 1.28 -20.61 -1.27
N ILE A 573 1.60 -21.31 -2.36
CA ILE A 573 2.39 -22.53 -2.35
C ILE A 573 3.75 -22.22 -2.97
N VAL A 574 4.83 -22.68 -2.32
CA VAL A 574 6.19 -22.40 -2.74
C VAL A 574 6.90 -23.74 -2.96
N VAL A 575 7.35 -23.95 -4.20
CA VAL A 575 8.03 -25.17 -4.58
C VAL A 575 9.52 -24.89 -4.77
N GLU A 576 10.34 -25.63 -4.03
CA GLU A 576 11.78 -25.48 -4.01
C GLU A 576 12.42 -26.80 -4.42
#